data_1QES
#
_entry.id   1QES
#
_cell.length_a   1.000
_cell.length_b   1.000
_cell.length_c   1.000
_cell.angle_alpha   90.00
_cell.angle_beta   90.00
_cell.angle_gamma   90.00
#
_symmetry.space_group_name_H-M   'P 1'
#
_entity_poly.entity_id   1
_entity_poly.type   'polyribonucleotide'
_entity_poly.pdbx_seq_one_letter_code
;GGAGUUCC
;
_entity_poly.pdbx_strand_id   A,B
#